data_4Y5Q
#
_entry.id   4Y5Q
#
_cell.length_a   60.070
_cell.length_b   55.890
_cell.length_c   81.450
_cell.angle_alpha   90.000
_cell.angle_beta   104.790
_cell.angle_gamma   90.000
#
_symmetry.space_group_name_H-M   'P 1 21 1'
#
loop_
_entity.id
_entity.type
_entity.pdbx_description
1 polymer 'Calmodulin-domain protein kinase 1, putative'
2 non-polymer 'CALCIUM ION'
3 non-polymer 'ADENOSINE MONOPHOSPHATE'
4 water water
#
_entity_poly.entity_id   1
_entity_poly.type   'polypeptide(L)'
_entity_poly.pdbx_seq_one_letter_code
;MHHHHHHSSGRENLYFQGTFAERYNIVCMLGKGSFGEVLKCKDRITQQEYAVKVINKASAKNKDTSTILREVELLKKLDH
PNIMKLFEILEDSSSFYIVGELYTGGELFDEIIKRKRFSEHDAARIIKQVFSGITYMHKHNIVHRDLKPENILLESKEKD
CDIKIIDFGLSTCFQQNTKMKDRIGTAYYIAPEVLRGTYDEKCDVWSAGVILYILLSGTPPFYGKNEYDILKRVETGKYA
FDLPQWRTISDDAKDLIRKMLTFHPSLRITATQCLEHPWIQKYSSETPTISDLPSLESAMTNIRQFQAEKKLAQAALLYM
ASKLTTLDETKQLTEIFRKLDTNNDGMLDRDELVRGYHEFMRLKGVDSNSLIQNEGSTIEDQIDSLMPLLDMDGSGSIEY
SEFIASAIDRTILLSRERMERAFKMFDKDGSGKISTKELFKLFSQADSSIQMEELESIIEQVDNNKDGEVDFNEFVEMLQ
NFVRNE
;
_entity_poly.pdbx_strand_id   A
#
loop_
_chem_comp.id
_chem_comp.type
_chem_comp.name
_chem_comp.formula
AMP non-polymer 'ADENOSINE MONOPHOSPHATE' 'C10 H14 N5 O7 P'
CA non-polymer 'CALCIUM ION' 'Ca 2'
#
# COMPACT_ATOMS: atom_id res chain seq x y z
N LEU A 14 -23.37 -26.39 1.18
CA LEU A 14 -22.03 -25.83 0.80
C LEU A 14 -21.27 -26.55 -0.38
N TYR A 15 -21.71 -27.75 -0.78
CA TYR A 15 -20.91 -28.60 -1.69
C TYR A 15 -20.71 -27.92 -3.04
N PHE A 16 -21.74 -27.27 -3.56
CA PHE A 16 -21.64 -26.52 -4.84
C PHE A 16 -21.20 -25.06 -4.73
N GLN A 17 -20.51 -24.66 -3.66
CA GLN A 17 -20.01 -23.30 -3.57
C GLN A 17 -18.51 -23.34 -3.61
N GLY A 18 -17.87 -22.52 -4.61
CA GLY A 18 -16.41 -22.34 -4.54
C GLY A 18 -16.08 -21.18 -3.62
N THR A 19 -14.84 -21.09 -3.15
CA THR A 19 -14.45 -19.96 -2.35
C THR A 19 -14.30 -18.81 -3.35
N PHE A 20 -13.42 -18.92 -4.36
CA PHE A 20 -13.27 -17.79 -5.27
C PHE A 20 -14.55 -17.56 -6.06
N ALA A 21 -15.11 -18.59 -6.67
CA ALA A 21 -16.19 -18.37 -7.60
C ALA A 21 -17.50 -17.88 -6.99
N GLU A 22 -17.78 -18.24 -5.73
CA GLU A 22 -18.96 -17.77 -5.02
C GLU A 22 -18.92 -16.28 -4.80
N ARG A 23 -17.73 -15.74 -4.47
CA ARG A 23 -17.62 -14.33 -4.14
C ARG A 23 -17.39 -13.40 -5.42
N TYR A 24 -16.66 -13.89 -6.38
CA TYR A 24 -16.21 -13.08 -7.52
C TYR A 24 -16.50 -13.67 -8.91
N ASN A 25 -16.75 -12.75 -9.85
CA ASN A 25 -16.91 -13.05 -11.22
C ASN A 25 -15.74 -12.42 -11.97
N ILE A 26 -15.15 -13.19 -12.89
CA ILE A 26 -14.06 -12.71 -13.68
C ILE A 26 -14.58 -11.80 -14.78
N VAL A 27 -14.00 -10.61 -14.97
CA VAL A 27 -14.57 -9.72 -15.97
C VAL A 27 -13.72 -9.81 -17.21
N CYS A 28 -12.39 -9.71 -17.10
CA CYS A 28 -11.49 -9.86 -18.24
C CYS A 28 -10.04 -9.96 -17.80
N MET A 29 -9.18 -10.24 -18.75
CA MET A 29 -7.77 -10.30 -18.53
C MET A 29 -7.11 -8.92 -18.45
N LEU A 30 -6.16 -8.75 -17.55
CA LEU A 30 -5.45 -7.49 -17.44
C LEU A 30 -4.02 -7.64 -18.00
N GLY A 31 -3.31 -8.68 -17.62
CA GLY A 31 -1.96 -8.89 -18.17
C GLY A 31 -1.30 -10.13 -17.61
N LYS A 32 -0.08 -10.40 -18.02
CA LYS A 32 0.62 -11.60 -17.61
C LYS A 32 2.09 -11.29 -17.49
N GLY A 33 2.65 -11.46 -16.30
CA GLY A 33 4.07 -11.20 -16.11
C GLY A 33 4.79 -12.46 -15.71
N SER A 34 5.64 -12.31 -14.69
CA SER A 34 6.53 -13.38 -14.23
C SER A 34 5.80 -14.50 -13.48
N PHE A 35 4.85 -14.13 -12.62
CA PHE A 35 4.12 -15.11 -11.81
C PHE A 35 2.67 -15.06 -12.16
N GLY A 36 2.20 -16.20 -12.66
CA GLY A 36 0.82 -16.40 -12.93
C GLY A 36 0.27 -15.42 -13.96
N GLU A 37 -0.95 -14.98 -13.71
CA GLU A 37 -1.67 -14.14 -14.65
C GLU A 37 -2.65 -13.21 -13.93
N VAL A 38 -2.85 -12.00 -14.42
CA VAL A 38 -3.66 -10.99 -13.70
C VAL A 38 -4.96 -10.61 -14.44
N LEU A 39 -6.06 -10.81 -13.74
CA LEU A 39 -7.45 -10.55 -14.30
C LEU A 39 -8.14 -9.49 -13.45
N LYS A 40 -9.13 -8.85 -14.03
CA LYS A 40 -10.06 -8.05 -13.30
C LYS A 40 -11.27 -8.87 -12.84
N CYS A 41 -11.60 -8.78 -11.58
CA CYS A 41 -12.75 -9.51 -11.09
C CYS A 41 -13.66 -8.53 -10.35
N LYS A 42 -14.85 -9.02 -10.04
CA LYS A 42 -15.91 -8.23 -9.45
C LYS A 42 -16.58 -9.01 -8.32
N ASP A 43 -16.76 -8.37 -7.17
CA ASP A 43 -17.52 -8.94 -6.07
C ASP A 43 -18.99 -9.00 -6.43
N ARG A 44 -19.59 -10.18 -6.26
CA ARG A 44 -20.89 -10.43 -6.82
C ARG A 44 -21.96 -9.72 -5.96
N ILE A 45 -21.62 -9.30 -4.75
CA ILE A 45 -22.60 -8.59 -3.93
C ILE A 45 -22.33 -7.10 -3.95
N THR A 46 -21.09 -6.72 -3.65
CA THR A 46 -20.77 -5.28 -3.57
C THR A 46 -20.62 -4.65 -4.97
N GLN A 47 -20.30 -5.45 -6.01
CA GLN A 47 -20.00 -4.94 -7.35
C GLN A 47 -18.65 -4.18 -7.45
N GLN A 48 -17.91 -4.10 -6.36
CA GLN A 48 -16.59 -3.49 -6.32
C GLN A 48 -15.66 -4.38 -7.17
N GLU A 49 -14.75 -3.74 -7.88
CA GLU A 49 -13.84 -4.43 -8.79
C GLU A 49 -12.45 -4.55 -8.20
N TYR A 50 -11.74 -5.62 -8.57
CA TYR A 50 -10.47 -5.96 -8.03
C TYR A 50 -9.56 -6.52 -9.08
N ALA A 51 -8.30 -6.51 -8.74
CA ALA A 51 -7.28 -7.23 -9.51
C ALA A 51 -7.04 -8.58 -8.88
N VAL A 52 -7.12 -9.67 -9.63
CA VAL A 52 -6.78 -10.95 -9.04
C VAL A 52 -5.63 -11.63 -9.82
N LYS A 53 -4.58 -12.03 -9.09
CA LYS A 53 -3.46 -12.89 -9.69
C LYS A 53 -3.81 -14.36 -9.46
N VAL A 54 -3.93 -15.08 -10.57
CA VAL A 54 -4.29 -16.49 -10.62
C VAL A 54 -3.00 -17.25 -10.93
N ILE A 55 -2.66 -18.16 -10.03
CA ILE A 55 -1.45 -18.93 -10.07
C ILE A 55 -1.82 -20.39 -10.13
N ASN A 56 -1.29 -21.11 -11.08
CA ASN A 56 -1.64 -22.50 -11.23
C ASN A 56 -0.84 -23.28 -10.22
N LYS A 57 -1.56 -23.97 -9.34
CA LYS A 57 -0.96 -24.79 -8.31
C LYS A 57 0.06 -25.82 -8.84
N ALA A 58 -0.37 -26.63 -9.78
CA ALA A 58 0.38 -27.79 -10.12
C ALA A 58 1.63 -27.44 -10.85
N SER A 59 1.51 -26.54 -11.83
CA SER A 59 2.68 -25.93 -12.56
C SER A 59 3.65 -25.11 -11.69
N ALA A 60 3.06 -24.30 -10.82
CA ALA A 60 3.81 -23.25 -10.27
C ALA A 60 4.24 -23.44 -8.84
N LYS A 61 3.64 -24.35 -8.13
CA LYS A 61 3.98 -24.40 -6.72
C LYS A 61 5.39 -24.90 -6.51
N ASN A 62 6.05 -24.18 -5.63
CA ASN A 62 7.35 -24.53 -5.15
C ASN A 62 7.47 -24.87 -3.69
N LYS A 63 6.38 -24.65 -2.94
CA LYS A 63 6.28 -24.91 -1.49
C LYS A 63 4.90 -25.53 -1.18
N ASP A 64 4.80 -26.19 -0.04
CA ASP A 64 3.53 -26.73 0.39
C ASP A 64 2.56 -25.57 0.60
N THR A 65 1.27 -25.88 0.57
CA THR A 65 0.26 -24.86 0.68
C THR A 65 0.35 -24.08 1.95
N SER A 66 0.46 -24.76 3.08
CA SER A 66 0.59 -24.12 4.36
C SER A 66 1.74 -23.08 4.43
N THR A 67 2.87 -23.34 3.78
CA THR A 67 3.96 -22.38 3.71
C THR A 67 3.50 -21.17 2.93
N ILE A 68 2.94 -21.45 1.75
CA ILE A 68 2.49 -20.41 0.88
C ILE A 68 1.46 -19.49 1.56
N LEU A 69 0.51 -20.03 2.31
CA LEU A 69 -0.52 -19.21 2.94
C LEU A 69 0.09 -18.31 4.02
N ARG A 70 1.10 -18.80 4.75
CA ARG A 70 1.78 -18.00 5.78
C ARG A 70 2.58 -16.85 5.15
N GLU A 71 3.33 -17.13 4.10
CA GLU A 71 4.04 -16.07 3.37
C GLU A 71 3.08 -15.07 2.75
N VAL A 72 2.02 -15.52 2.08
CA VAL A 72 1.04 -14.57 1.54
C VAL A 72 0.31 -13.76 2.58
N GLU A 73 0.04 -14.33 3.75
CA GLU A 73 -0.55 -13.60 4.85
C GLU A 73 0.31 -12.42 5.28
N LEU A 74 1.64 -12.58 5.32
CA LEU A 74 2.51 -11.47 5.61
C LEU A 74 2.43 -10.41 4.52
N LEU A 75 2.13 -10.81 3.30
CA LEU A 75 2.02 -9.82 2.21
C LEU A 75 0.73 -9.03 2.37
N LYS A 76 -0.35 -9.69 2.83
CA LYS A 76 -1.65 -9.02 3.07
C LYS A 76 -1.50 -7.97 4.18
N LYS A 77 -0.59 -8.19 5.10
CA LYS A 77 -0.42 -7.30 6.19
C LYS A 77 0.38 -6.07 5.88
N LEU A 78 0.96 -5.96 4.70
CA LEU A 78 1.66 -4.74 4.33
C LEU A 78 0.57 -3.67 4.06
N ASP A 79 0.68 -2.58 4.81
CA ASP A 79 -0.29 -1.51 4.80
C ASP A 79 0.49 -0.18 4.71
N HIS A 80 0.64 0.29 3.47
CA HIS A 80 1.46 1.43 3.17
C HIS A 80 0.88 2.01 1.88
N PRO A 81 0.80 3.32 1.80
CA PRO A 81 0.12 3.90 0.64
C PRO A 81 0.82 3.67 -0.72
N ASN A 82 2.06 3.19 -0.72
CA ASN A 82 2.79 3.03 -1.96
C ASN A 82 3.13 1.59 -2.27
N ILE A 83 2.40 0.69 -1.63
CA ILE A 83 2.64 -0.72 -1.77
C ILE A 83 1.27 -1.29 -2.13
N MET A 84 1.29 -2.23 -3.06
CA MET A 84 0.04 -2.82 -3.54
C MET A 84 -0.66 -3.44 -2.34
N LYS A 85 -1.95 -3.20 -2.30
CA LYS A 85 -2.84 -3.68 -1.25
C LYS A 85 -3.41 -5.04 -1.68
N LEU A 86 -3.24 -6.02 -0.83
CA LEU A 86 -3.80 -7.33 -1.14
C LEU A 86 -4.83 -7.62 -0.14
N PHE A 87 -5.99 -8.10 -0.57
CA PHE A 87 -7.12 -8.35 0.34
C PHE A 87 -7.28 -9.83 0.76
N GLU A 88 -6.99 -10.75 -0.17
CA GLU A 88 -7.09 -12.17 0.21
C GLU A 88 -6.48 -13.16 -0.72
N ILE A 89 -6.23 -14.35 -0.20
CA ILE A 89 -5.77 -15.42 -1.03
C ILE A 89 -6.79 -16.53 -0.93
N LEU A 90 -7.31 -16.95 -2.07
CA LEU A 90 -8.33 -18.01 -2.07
C LEU A 90 -7.82 -19.11 -2.96
N GLU A 91 -8.51 -20.25 -2.94
CA GLU A 91 -8.03 -21.38 -3.73
C GLU A 91 -9.12 -22.27 -4.25
N ASP A 92 -8.83 -22.89 -5.36
CA ASP A 92 -9.64 -24.04 -5.78
C ASP A 92 -8.70 -25.20 -6.13
N SER A 93 -9.19 -26.23 -6.78
CA SER A 93 -8.38 -27.38 -7.01
C SER A 93 -7.27 -27.10 -8.03
N SER A 94 -7.41 -26.08 -8.89
CA SER A 94 -6.30 -25.83 -9.85
C SER A 94 -5.43 -24.60 -9.44
N SER A 95 -5.99 -23.62 -8.71
CA SER A 95 -5.30 -22.32 -8.54
C SER A 95 -5.33 -21.69 -7.19
N PHE A 96 -4.36 -20.77 -6.96
CA PHE A 96 -4.46 -19.74 -5.94
C PHE A 96 -4.97 -18.47 -6.61
N TYR A 97 -5.82 -17.74 -5.90
CA TYR A 97 -6.29 -16.46 -6.41
C TYR A 97 -5.88 -15.39 -5.39
N ILE A 98 -5.01 -14.48 -5.77
CA ILE A 98 -4.53 -13.41 -4.85
C ILE A 98 -5.27 -12.11 -5.21
N VAL A 99 -6.20 -11.69 -4.37
CA VAL A 99 -7.10 -10.61 -4.74
C VAL A 99 -6.56 -9.32 -4.13
N GLY A 100 -6.32 -8.32 -5.00
CA GLY A 100 -5.83 -6.99 -4.62
C GLY A 100 -6.67 -5.82 -5.10
N GLU A 101 -6.25 -4.62 -4.70
CA GLU A 101 -6.89 -3.43 -5.12
C GLU A 101 -6.54 -3.21 -6.62
N LEU A 102 -7.49 -2.75 -7.41
CA LEU A 102 -7.30 -2.54 -8.81
C LEU A 102 -6.69 -1.16 -9.02
N TYR A 103 -5.58 -1.02 -9.69
CA TYR A 103 -5.08 0.33 -10.06
C TYR A 103 -5.24 0.64 -11.57
N THR A 104 -5.72 1.82 -11.91
CA THR A 104 -6.16 2.09 -13.25
C THR A 104 -5.24 3.07 -14.01
N GLY A 105 -4.17 3.58 -13.36
CA GLY A 105 -3.35 4.63 -13.99
C GLY A 105 -2.22 4.14 -14.90
N GLY A 106 -2.06 2.83 -14.99
CA GLY A 106 -1.00 2.24 -15.80
C GLY A 106 0.36 2.34 -15.21
N GLU A 107 1.36 1.91 -15.97
CA GLU A 107 2.70 1.88 -15.40
C GLU A 107 3.41 3.25 -15.36
N LEU A 108 4.22 3.44 -14.34
CA LEU A 108 5.05 4.68 -14.31
C LEU A 108 5.87 4.81 -15.55
N PHE A 109 6.23 3.66 -16.13
CA PHE A 109 6.88 3.66 -17.41
C PHE A 109 6.24 4.49 -18.48
N ASP A 110 4.91 4.43 -18.60
CA ASP A 110 4.26 5.20 -19.65
C ASP A 110 4.34 6.68 -19.38
N GLU A 111 4.41 7.03 -18.12
CA GLU A 111 4.46 8.40 -17.74
C GLU A 111 5.83 8.99 -18.11
N ILE A 112 6.87 8.16 -18.08
CA ILE A 112 8.18 8.54 -18.57
C ILE A 112 8.14 8.78 -20.03
N ILE A 113 7.54 7.85 -20.78
CA ILE A 113 7.38 8.04 -22.23
C ILE A 113 6.67 9.31 -22.54
N LYS A 114 5.52 9.54 -21.91
CA LYS A 114 4.72 10.73 -22.21
C LYS A 114 5.49 12.00 -21.91
N ARG A 115 6.07 12.07 -20.74
CA ARG A 115 6.66 13.30 -20.24
C ARG A 115 8.07 13.49 -20.73
N LYS A 116 8.77 12.40 -21.04
CA LYS A 116 10.18 12.39 -21.39
C LYS A 116 11.11 12.62 -20.19
N ARG A 117 10.86 13.68 -19.43
CA ARG A 117 11.72 14.08 -18.31
C ARG A 117 10.85 14.81 -17.30
N PHE A 118 11.25 14.80 -16.05
CA PHE A 118 10.53 15.48 -15.03
C PHE A 118 11.37 16.59 -14.39
N SER A 119 10.73 17.66 -13.95
CA SER A 119 11.39 18.67 -13.10
C SER A 119 11.87 18.05 -11.77
N GLU A 120 12.65 18.79 -11.01
CA GLU A 120 13.15 18.26 -9.75
C GLU A 120 12.02 18.08 -8.73
N HIS A 121 11.11 19.04 -8.70
CA HIS A 121 9.94 18.93 -7.91
C HIS A 121 9.12 17.69 -8.26
N ASP A 122 8.76 17.50 -9.52
CA ASP A 122 7.95 16.30 -9.91
C ASP A 122 8.66 14.99 -9.69
N ALA A 123 9.95 14.91 -10.04
CA ALA A 123 10.73 13.70 -9.76
C ALA A 123 10.82 13.37 -8.25
N ALA A 124 11.02 14.39 -7.40
CA ALA A 124 11.11 14.18 -5.97
C ALA A 124 9.79 13.59 -5.37
N ARG A 125 8.65 14.14 -5.79
CA ARG A 125 7.34 13.72 -5.35
C ARG A 125 7.14 12.22 -5.78
N ILE A 126 7.53 11.87 -6.99
CA ILE A 126 7.50 10.45 -7.37
C ILE A 126 8.49 9.55 -6.66
N ILE A 127 9.76 9.93 -6.66
CA ILE A 127 10.75 9.00 -6.15
C ILE A 127 10.60 8.86 -4.65
N LYS A 128 9.98 9.83 -4.00
CA LYS A 128 9.90 9.83 -2.56
C LYS A 128 8.97 8.69 -2.13
N GLN A 129 7.96 8.45 -2.95
CA GLN A 129 6.99 7.37 -2.74
C GLN A 129 7.64 6.03 -3.01
N VAL A 130 8.44 5.97 -3.98
CA VAL A 130 9.22 4.70 -4.20
C VAL A 130 10.07 4.45 -2.91
N PHE A 131 10.70 5.51 -2.34
CA PHE A 131 11.58 5.34 -1.21
C PHE A 131 10.79 4.88 -0.03
N SER A 132 9.64 5.54 0.16
CA SER A 132 8.78 5.23 1.24
C SER A 132 8.32 3.77 1.21
N GLY A 133 7.81 3.34 0.07
CA GLY A 133 7.33 2.00 -0.11
C GLY A 133 8.45 0.96 0.10
N ILE A 134 9.61 1.23 -0.49
CA ILE A 134 10.78 0.34 -0.34
C ILE A 134 11.35 0.31 1.09
N THR A 135 11.32 1.45 1.78
CA THR A 135 11.78 1.48 3.18
C THR A 135 10.91 0.53 3.98
N TYR A 136 9.63 0.67 3.79
CA TYR A 136 8.65 -0.12 4.55
C TYR A 136 8.81 -1.63 4.25
N MET A 137 9.05 -1.95 3.01
CA MET A 137 9.25 -3.35 2.57
C MET A 137 10.45 -3.91 3.31
N HIS A 138 11.51 -3.17 3.22
CA HIS A 138 12.81 -3.58 3.86
C HIS A 138 12.67 -3.71 5.37
N LYS A 139 11.90 -2.85 6.04
CA LYS A 139 11.62 -3.00 7.50
C LYS A 139 10.83 -4.29 7.79
N HIS A 140 10.07 -4.77 6.82
CA HIS A 140 9.33 -6.00 6.98
C HIS A 140 10.06 -7.14 6.31
N ASN A 141 11.34 -6.95 6.08
CA ASN A 141 12.23 -7.96 5.50
C ASN A 141 11.78 -8.59 4.18
N ILE A 142 11.30 -7.71 3.28
CA ILE A 142 10.96 -8.09 1.91
C ILE A 142 11.79 -7.20 1.00
N VAL A 143 12.48 -7.84 0.08
CA VAL A 143 13.25 -7.23 -0.96
C VAL A 143 12.36 -7.36 -2.22
N HIS A 144 12.37 -6.33 -3.05
CA HIS A 144 11.58 -6.34 -4.26
C HIS A 144 12.14 -7.31 -5.32
N ARG A 145 13.39 -7.09 -5.77
CA ARG A 145 14.20 -7.95 -6.67
C ARG A 145 14.13 -7.53 -8.15
N ASP A 146 13.09 -6.81 -8.55
CA ASP A 146 12.83 -6.40 -9.96
C ASP A 146 12.11 -5.00 -9.98
N LEU A 147 12.64 -4.08 -9.22
CA LEU A 147 12.08 -2.76 -9.12
C LEU A 147 12.43 -2.03 -10.43
N LYS A 148 11.41 -1.52 -11.07
CA LYS A 148 11.52 -0.76 -12.30
C LYS A 148 10.13 -0.11 -12.56
N PRO A 149 10.09 0.82 -13.48
CA PRO A 149 8.94 1.67 -13.73
C PRO A 149 7.76 0.79 -14.25
N GLU A 150 8.05 -0.33 -14.83
CA GLU A 150 6.97 -1.21 -15.32
C GLU A 150 6.36 -1.88 -14.15
N ASN A 151 6.99 -1.88 -12.96
CA ASN A 151 6.45 -2.59 -11.77
C ASN A 151 6.02 -1.57 -10.75
N ILE A 152 5.75 -0.36 -11.20
CA ILE A 152 5.09 0.67 -10.34
C ILE A 152 3.89 1.20 -11.09
N LEU A 153 2.72 1.20 -10.46
CA LEU A 153 1.48 1.58 -11.14
C LEU A 153 1.02 2.88 -10.52
N LEU A 154 0.37 3.71 -11.32
CA LEU A 154 -0.40 4.88 -10.85
C LEU A 154 -1.73 4.46 -10.43
N GLU A 155 -2.07 4.85 -9.22
CA GLU A 155 -3.38 4.49 -8.62
C GLU A 155 -4.55 4.76 -9.58
N SER A 156 -4.51 5.91 -10.23
CA SER A 156 -5.59 6.30 -11.09
C SER A 156 -5.04 7.23 -12.17
N LYS A 157 -5.95 7.84 -12.93
CA LYS A 157 -5.63 8.90 -13.86
C LYS A 157 -5.61 10.31 -13.21
N GLU A 158 -6.04 10.48 -11.95
CA GLU A 158 -5.96 11.80 -11.27
C GLU A 158 -4.53 12.24 -11.28
N LYS A 159 -4.34 13.52 -11.41
CA LYS A 159 -3.04 14.18 -11.29
C LYS A 159 -2.46 14.02 -9.87
N ASP A 160 -1.18 13.69 -9.83
CA ASP A 160 -0.45 13.46 -8.56
C ASP A 160 -1.06 12.40 -7.67
N CYS A 161 -1.71 11.38 -8.26
CA CYS A 161 -2.23 10.31 -7.47
C CYS A 161 -1.02 9.52 -6.92
N ASP A 162 -1.21 8.76 -5.85
CA ASP A 162 -0.22 7.91 -5.28
C ASP A 162 0.27 6.85 -6.30
N ILE A 163 1.55 6.49 -6.21
CA ILE A 163 2.08 5.32 -6.96
C ILE A 163 2.00 4.07 -6.13
N LYS A 164 1.93 2.94 -6.81
CA LYS A 164 1.86 1.67 -6.15
C LYS A 164 2.91 0.69 -6.65
N ILE A 165 3.76 0.25 -5.74
CA ILE A 165 4.76 -0.82 -6.07
C ILE A 165 4.05 -2.17 -6.13
N ILE A 166 4.24 -2.86 -7.27
CA ILE A 166 3.60 -4.15 -7.51
C ILE A 166 4.66 -5.21 -7.78
N ASP A 167 4.24 -6.48 -7.89
CA ASP A 167 5.05 -7.56 -8.46
C ASP A 167 6.25 -7.95 -7.60
N PHE A 168 5.99 -8.43 -6.39
CA PHE A 168 7.07 -8.85 -5.50
C PHE A 168 6.46 -9.79 -4.51
N GLY A 169 7.28 -10.59 -3.84
CA GLY A 169 6.85 -11.38 -2.69
C GLY A 169 6.54 -12.83 -2.99
N LEU A 170 6.57 -13.26 -4.27
CA LEU A 170 6.14 -14.62 -4.64
C LEU A 170 7.25 -15.55 -5.08
N SER A 171 8.49 -15.04 -5.12
CA SER A 171 9.58 -15.82 -5.82
C SER A 171 10.14 -17.02 -5.13
N THR A 172 9.87 -17.21 -3.86
CA THR A 172 10.26 -18.42 -3.18
C THR A 172 9.10 -19.44 -3.12
N CYS A 173 7.85 -18.95 -3.02
CA CYS A 173 6.66 -19.80 -3.07
C CYS A 173 6.38 -20.43 -4.44
N PHE A 174 6.70 -19.73 -5.52
CA PHE A 174 6.22 -20.12 -6.85
C PHE A 174 7.32 -20.08 -7.86
N GLN A 175 7.24 -20.96 -8.85
CA GLN A 175 8.14 -20.95 -9.99
C GLN A 175 7.56 -19.99 -11.01
N GLN A 176 8.43 -19.26 -11.71
CA GLN A 176 8.04 -18.39 -12.84
C GLN A 176 7.43 -19.09 -14.04
N ASN A 177 6.69 -18.32 -14.83
CA ASN A 177 6.13 -18.79 -16.11
C ASN A 177 7.19 -19.29 -17.15
N THR A 178 8.43 -18.80 -17.06
CA THR A 178 9.54 -19.25 -17.99
C THR A 178 9.55 -18.46 -19.31
N ASP A 182 10.79 -12.64 -22.37
CA ASP A 182 11.69 -11.79 -23.12
C ASP A 182 11.46 -10.31 -22.74
N ARG A 183 11.46 -10.02 -21.44
CA ARG A 183 11.24 -8.65 -20.96
C ARG A 183 12.33 -7.73 -21.54
N ILE A 184 11.92 -6.65 -22.20
CA ILE A 184 12.84 -5.71 -22.87
C ILE A 184 13.20 -4.53 -21.91
N GLY A 185 14.50 -4.24 -21.73
CA GLY A 185 14.92 -3.10 -20.88
C GLY A 185 15.11 -3.38 -19.39
N THR A 186 14.82 -4.60 -19.00
CA THR A 186 15.07 -5.05 -17.63
C THR A 186 16.56 -4.93 -17.18
N ALA A 187 17.50 -5.14 -18.13
CA ALA A 187 18.94 -4.99 -17.88
C ALA A 187 19.31 -3.57 -17.42
N TYR A 188 18.49 -2.57 -17.72
CA TYR A 188 18.84 -1.21 -17.26
C TYR A 188 18.96 -1.02 -15.77
N TYR A 189 18.20 -1.79 -14.98
CA TYR A 189 17.92 -1.48 -13.58
C TYR A 189 18.64 -2.34 -12.58
N ILE A 190 19.40 -3.31 -13.09
N ILE A 190 19.35 -3.38 -13.04
CA ILE A 190 20.06 -4.35 -12.34
CA ILE A 190 19.91 -4.36 -12.12
C ILE A 190 21.26 -3.73 -11.61
C ILE A 190 21.27 -3.88 -11.64
N ALA A 191 21.51 -4.11 -10.37
CA ALA A 191 22.70 -3.70 -9.73
C ALA A 191 23.83 -4.68 -10.21
N PRO A 192 25.09 -4.27 -10.12
CA PRO A 192 26.21 -5.13 -10.56
C PRO A 192 26.29 -6.44 -9.82
N GLU A 193 26.01 -6.45 -8.52
CA GLU A 193 26.06 -7.67 -7.76
C GLU A 193 25.02 -8.65 -8.17
N VAL A 194 23.91 -8.19 -8.75
CA VAL A 194 22.93 -9.11 -9.32
C VAL A 194 23.57 -10.02 -10.37
N LEU A 195 24.50 -9.50 -11.19
CA LEU A 195 25.25 -10.33 -12.13
C LEU A 195 26.07 -11.46 -11.46
N ARG A 196 26.38 -11.29 -10.16
CA ARG A 196 27.02 -12.33 -9.33
C ARG A 196 26.06 -13.27 -8.54
N GLY A 197 24.77 -13.25 -8.85
CA GLY A 197 23.81 -14.09 -8.18
C GLY A 197 23.21 -13.50 -6.90
N THR A 198 23.63 -12.30 -6.50
CA THR A 198 23.17 -11.62 -5.28
C THR A 198 21.95 -10.73 -5.49
N TYR A 199 20.95 -10.87 -4.62
CA TYR A 199 19.85 -9.92 -4.49
C TYR A 199 19.80 -9.61 -3.01
N ASP A 200 19.73 -8.34 -2.64
CA ASP A 200 19.60 -7.97 -1.21
C ASP A 200 19.00 -6.56 -1.18
N GLU A 201 18.80 -5.99 0.01
CA GLU A 201 18.11 -4.70 0.12
C GLU A 201 18.74 -3.64 -0.79
N LYS A 202 20.06 -3.67 -0.86
CA LYS A 202 20.85 -2.67 -1.55
C LYS A 202 20.64 -2.75 -3.05
N CYS A 203 20.24 -3.90 -3.61
CA CYS A 203 19.93 -3.99 -5.04
CA CYS A 203 19.94 -3.90 -5.07
C CYS A 203 18.68 -3.14 -5.39
N ASP A 204 17.73 -3.13 -4.50
CA ASP A 204 16.51 -2.25 -4.64
C ASP A 204 16.91 -0.77 -4.60
N VAL A 205 17.88 -0.42 -3.77
CA VAL A 205 18.30 0.99 -3.74
C VAL A 205 18.96 1.37 -5.08
N TRP A 206 19.83 0.51 -5.62
CA TRP A 206 20.41 0.76 -6.90
C TRP A 206 19.35 0.91 -7.95
N SER A 207 18.39 -0.04 -8.00
CA SER A 207 17.32 0.06 -9.02
C SER A 207 16.54 1.40 -8.87
N ALA A 208 16.30 1.81 -7.66
CA ALA A 208 15.60 3.08 -7.42
C ALA A 208 16.42 4.28 -7.90
N GLY A 209 17.75 4.10 -7.94
CA GLY A 209 18.69 5.14 -8.29
C GLY A 209 18.70 5.28 -9.82
N VAL A 210 18.64 4.13 -10.53
CA VAL A 210 18.52 4.13 -11.96
C VAL A 210 17.17 4.80 -12.31
N ILE A 211 16.10 4.46 -11.65
CA ILE A 211 14.78 5.13 -11.90
C ILE A 211 14.91 6.67 -11.74
N LEU A 212 15.58 7.13 -10.71
CA LEU A 212 15.69 8.53 -10.49
C LEU A 212 16.48 9.19 -11.54
N TYR A 213 17.55 8.54 -12.00
CA TYR A 213 18.40 9.09 -13.00
C TYR A 213 17.62 9.26 -14.31
N ILE A 214 16.79 8.26 -14.62
CA ILE A 214 15.85 8.36 -15.75
C ILE A 214 14.74 9.45 -15.54
N LEU A 215 14.15 9.55 -14.38
CA LEU A 215 13.15 10.64 -14.18
C LEU A 215 13.76 12.02 -14.47
N LEU A 216 14.98 12.24 -14.01
CA LEU A 216 15.61 13.54 -14.19
C LEU A 216 16.19 13.76 -15.57
N SER A 217 16.66 12.72 -16.24
CA SER A 217 17.37 12.92 -17.49
C SER A 217 16.67 12.36 -18.71
N GLY A 218 15.74 11.43 -18.54
CA GLY A 218 15.07 10.79 -19.66
C GLY A 218 15.83 9.62 -20.26
N THR A 219 16.96 9.28 -19.67
CA THR A 219 17.91 8.39 -20.31
C THR A 219 18.53 7.46 -19.24
N PRO A 220 18.70 6.15 -19.54
CA PRO A 220 19.35 5.24 -18.60
C PRO A 220 20.82 5.60 -18.34
N PRO A 221 21.28 5.48 -17.10
CA PRO A 221 22.69 5.74 -16.78
C PRO A 221 23.64 4.69 -17.40
N PHE A 222 23.21 3.43 -17.53
CA PHE A 222 23.95 2.39 -18.20
C PHE A 222 23.12 2.04 -19.41
N TYR A 223 23.56 2.46 -20.56
CA TYR A 223 22.70 2.66 -21.71
C TYR A 223 23.32 1.80 -22.81
N GLY A 224 22.57 1.54 -23.86
CA GLY A 224 23.09 0.78 -25.00
C GLY A 224 21.95 0.23 -25.82
N LYS A 225 22.26 -0.19 -27.04
CA LYS A 225 21.25 -0.52 -28.03
C LYS A 225 20.54 -1.81 -27.68
N ASN A 226 21.33 -2.74 -27.12
CA ASN A 226 20.90 -4.12 -26.82
C ASN A 226 21.42 -4.63 -25.47
N GLU A 227 20.84 -5.73 -25.00
CA GLU A 227 21.15 -6.29 -23.69
C GLU A 227 22.65 -6.54 -23.42
N TYR A 228 23.40 -6.95 -24.43
CA TYR A 228 24.81 -7.18 -24.28
C TYR A 228 25.57 -5.93 -23.83
N ASP A 229 25.45 -4.85 -24.61
CA ASP A 229 26.26 -3.66 -24.33
C ASP A 229 25.82 -3.06 -22.99
N ILE A 230 24.53 -3.13 -22.70
CA ILE A 230 24.02 -2.53 -21.48
C ILE A 230 24.66 -3.22 -20.29
N LEU A 231 24.64 -4.54 -20.36
CA LEU A 231 25.15 -5.35 -19.26
C LEU A 231 26.63 -5.15 -19.03
N LYS A 232 27.33 -4.83 -20.10
CA LYS A 232 28.74 -4.50 -20.03
C LYS A 232 28.93 -3.23 -19.19
N ARG A 233 28.11 -2.22 -19.44
CA ARG A 233 28.25 -0.94 -18.72
C ARG A 233 27.91 -1.17 -17.24
N VAL A 234 26.80 -1.87 -16.97
CA VAL A 234 26.31 -2.07 -15.60
C VAL A 234 27.44 -2.63 -14.77
N GLU A 235 28.07 -3.61 -15.35
CA GLU A 235 29.07 -4.39 -14.69
C GLU A 235 30.29 -3.59 -14.13
N THR A 236 30.74 -2.59 -14.88
CA THR A 236 31.79 -1.65 -14.44
C THR A 236 31.26 -0.63 -13.41
N GLY A 237 29.95 -0.44 -13.37
CA GLY A 237 29.34 0.56 -12.54
C GLY A 237 29.62 2.00 -12.93
N LYS A 238 30.30 2.19 -14.07
CA LYS A 238 30.67 3.49 -14.62
C LYS A 238 29.47 4.18 -15.34
N TYR A 239 29.22 5.44 -14.98
CA TYR A 239 28.11 6.26 -15.53
C TYR A 239 28.54 7.72 -15.24
N ALA A 240 27.85 8.66 -15.85
CA ALA A 240 28.24 10.03 -15.72
C ALA A 240 26.99 10.89 -15.72
N PHE A 241 27.13 12.11 -15.24
CA PHE A 241 26.21 13.19 -15.48
C PHE A 241 26.75 14.07 -16.64
N ASP A 242 27.01 13.46 -17.78
CA ASP A 242 27.63 14.16 -18.92
C ASP A 242 26.62 14.72 -19.93
N LEU A 243 25.42 14.17 -19.96
CA LEU A 243 24.37 14.62 -20.90
C LEU A 243 24.05 16.08 -20.66
N PRO A 244 23.80 16.85 -21.70
CA PRO A 244 23.63 18.31 -21.50
C PRO A 244 22.60 18.72 -20.43
N GLN A 245 21.59 17.90 -20.25
CA GLN A 245 20.48 18.28 -19.38
C GLN A 245 20.84 18.23 -17.93
N TRP A 246 21.94 17.57 -17.63
CA TRP A 246 22.45 17.49 -16.28
C TRP A 246 23.06 18.77 -15.75
N ARG A 247 23.53 19.66 -16.64
CA ARG A 247 24.15 20.92 -16.17
C ARG A 247 23.15 21.77 -15.41
N THR A 248 21.89 21.61 -15.76
CA THR A 248 20.84 22.34 -15.13
C THR A 248 20.15 21.66 -13.89
N ILE A 249 20.65 20.51 -13.43
CA ILE A 249 20.02 19.78 -12.33
C ILE A 249 20.89 20.07 -11.10
N SER A 250 20.31 20.19 -9.90
CA SER A 250 21.03 20.64 -8.71
C SER A 250 22.06 19.65 -8.24
N ASP A 251 23.06 20.13 -7.51
CA ASP A 251 24.09 19.25 -6.95
C ASP A 251 23.49 18.26 -5.99
N ASP A 252 22.44 18.68 -5.29
CA ASP A 252 21.75 17.83 -4.29
C ASP A 252 21.12 16.57 -4.91
N ALA A 253 20.52 16.69 -6.08
CA ALA A 253 19.93 15.54 -6.73
C ALA A 253 21.06 14.59 -7.16
N LYS A 254 22.17 15.16 -7.64
CA LYS A 254 23.35 14.38 -8.06
C LYS A 254 23.97 13.67 -6.90
N ASP A 255 24.00 14.35 -5.74
CA ASP A 255 24.57 13.75 -4.53
C ASP A 255 23.76 12.49 -4.10
N LEU A 256 22.44 12.60 -4.12
CA LEU A 256 21.59 11.48 -3.88
C LEU A 256 21.80 10.32 -4.86
N ILE A 257 21.83 10.59 -6.17
CA ILE A 257 22.05 9.55 -7.14
C ILE A 257 23.43 8.90 -6.92
N ARG A 258 24.47 9.69 -6.69
CA ARG A 258 25.76 9.10 -6.40
C ARG A 258 25.69 8.14 -5.24
N LYS A 259 24.99 8.50 -4.20
CA LYS A 259 24.91 7.61 -3.02
C LYS A 259 24.18 6.32 -3.29
N MET A 260 23.23 6.36 -4.22
CA MET A 260 22.43 5.19 -4.59
C MET A 260 23.08 4.28 -5.57
N LEU A 261 23.85 4.82 -6.53
CA LEU A 261 24.58 4.04 -7.50
C LEU A 261 26.08 3.85 -7.08
N THR A 262 26.34 3.72 -5.80
CA THR A 262 27.66 3.48 -5.30
C THR A 262 27.92 2.03 -5.62
N PHE A 263 29.09 1.73 -6.19
CA PHE A 263 29.39 0.36 -6.69
C PHE A 263 29.30 -0.72 -5.61
N HIS A 264 29.96 -0.47 -4.48
CA HIS A 264 30.05 -1.42 -3.42
C HIS A 264 28.81 -1.26 -2.60
N PRO A 265 28.02 -2.34 -2.51
CA PRO A 265 26.78 -2.21 -1.75
C PRO A 265 26.95 -1.88 -0.28
N SER A 266 28.05 -2.22 0.34
CA SER A 266 28.13 -1.88 1.75
C SER A 266 28.38 -0.37 1.96
N LEU A 267 28.81 0.34 0.91
CA LEU A 267 28.98 1.78 0.98
C LEU A 267 27.71 2.53 0.51
N ARG A 268 26.81 1.81 -0.15
CA ARG A 268 25.63 2.33 -0.76
C ARG A 268 24.61 2.64 0.35
N ILE A 269 23.89 3.76 0.23
CA ILE A 269 23.00 4.19 1.31
C ILE A 269 21.75 3.29 1.39
N THR A 270 21.07 3.31 2.55
CA THR A 270 19.93 2.48 2.79
C THR A 270 18.74 3.19 2.16
N ALA A 271 17.62 2.50 2.10
CA ALA A 271 16.38 3.16 1.65
C ALA A 271 15.90 4.26 2.57
N THR A 272 16.09 4.11 3.86
CA THR A 272 15.68 5.15 4.78
C THR A 272 16.51 6.40 4.53
N GLN A 273 17.80 6.24 4.38
CA GLN A 273 18.67 7.36 3.99
C GLN A 273 18.29 8.01 2.66
N CYS A 274 17.76 7.22 1.73
CA CYS A 274 17.19 7.81 0.57
C CYS A 274 16.02 8.67 0.96
N LEU A 275 15.06 8.11 1.75
CA LEU A 275 13.86 8.80 2.11
C LEU A 275 14.24 10.10 2.82
N GLU A 276 15.29 10.06 3.63
CA GLU A 276 15.63 11.25 4.48
C GLU A 276 16.62 12.26 3.86
N HIS A 277 17.02 12.05 2.62
CA HIS A 277 18.05 12.90 1.98
C HIS A 277 17.55 14.33 1.88
N PRO A 278 18.42 15.32 2.01
CA PRO A 278 17.85 16.68 2.01
C PRO A 278 17.13 17.10 0.71
N TRP A 279 17.51 16.54 -0.43
CA TRP A 279 16.83 16.89 -1.69
C TRP A 279 15.37 16.47 -1.65
N ILE A 280 15.07 15.36 -1.00
CA ILE A 280 13.67 14.91 -0.87
C ILE A 280 12.96 15.92 -0.01
N GLN A 281 13.58 16.33 1.07
CA GLN A 281 12.92 17.19 2.04
C GLN A 281 12.58 18.53 1.47
N LYS A 282 13.51 19.08 0.70
CA LYS A 282 13.30 20.29 -0.09
C LYS A 282 12.05 20.31 -0.98
N TYR A 283 11.60 19.15 -1.51
CA TYR A 283 10.34 19.04 -2.31
C TYR A 283 9.19 18.22 -1.70
N SER A 284 9.05 18.19 -0.39
CA SER A 284 8.02 17.38 0.17
C SER A 284 7.47 18.14 1.31
N SER A 285 7.32 19.44 1.11
CA SER A 285 6.97 20.34 2.19
C SER A 285 5.46 20.39 2.36
N GLU A 286 4.74 19.47 1.73
CA GLU A 286 3.28 19.49 1.82
C GLU A 286 2.80 19.46 3.28
N THR A 287 1.84 20.32 3.57
CA THR A 287 1.44 20.60 4.92
C THR A 287 0.04 21.10 4.87
N PRO A 288 -0.70 20.87 5.95
CA PRO A 288 -2.09 21.30 5.94
C PRO A 288 -2.20 22.80 5.64
N THR A 289 -3.24 23.18 4.89
CA THR A 289 -3.63 24.59 4.69
C THR A 289 -5.08 24.82 5.09
N ILE A 290 -5.49 26.09 4.95
CA ILE A 290 -6.88 26.52 5.16
C ILE A 290 -7.87 25.71 4.35
N SER A 291 -7.50 25.43 3.10
CA SER A 291 -8.35 24.62 2.21
C SER A 291 -8.58 23.21 2.73
N ASP A 292 -7.70 22.72 3.61
CA ASP A 292 -7.86 21.36 4.17
C ASP A 292 -8.71 21.30 5.43
N LEU A 293 -9.07 22.45 6.00
CA LEU A 293 -9.81 22.52 7.26
C LEU A 293 -11.08 21.69 7.29
N PRO A 294 -11.91 21.78 6.22
CA PRO A 294 -13.10 20.91 6.17
C PRO A 294 -12.76 19.43 6.28
N SER A 295 -11.76 18.97 5.54
CA SER A 295 -11.30 17.59 5.68
C SER A 295 -10.82 17.30 7.11
N LEU A 296 -10.06 18.23 7.67
CA LEU A 296 -9.50 18.03 8.98
C LEU A 296 -10.56 18.05 10.05
N GLU A 297 -11.56 18.90 9.91
CA GLU A 297 -12.63 18.98 10.88
C GLU A 297 -13.37 17.63 10.91
N SER A 298 -13.83 17.21 9.73
CA SER A 298 -14.46 15.90 9.60
C SER A 298 -13.66 14.70 10.16
N ALA A 299 -12.41 14.53 9.72
CA ALA A 299 -11.52 13.49 10.27
C ALA A 299 -11.49 13.45 11.80
N MET A 300 -11.54 14.63 12.45
CA MET A 300 -11.40 14.75 13.89
C MET A 300 -12.70 14.42 14.59
N THR A 301 -13.81 14.92 14.10
CA THR A 301 -15.13 14.48 14.54
C THR A 301 -15.15 12.93 14.66
N ASN A 302 -14.86 12.28 13.53
CA ASN A 302 -14.91 10.82 13.47
C ASN A 302 -13.89 10.10 14.31
N ILE A 303 -12.72 10.68 14.50
CA ILE A 303 -11.73 10.05 15.38
C ILE A 303 -12.13 10.08 16.87
N ARG A 304 -12.84 11.11 17.32
CA ARG A 304 -13.37 11.17 18.71
C ARG A 304 -14.47 10.11 18.93
N GLN A 305 -15.38 9.96 17.97
CA GLN A 305 -16.39 8.89 18.02
C GLN A 305 -15.72 7.52 18.25
N PHE A 306 -14.72 7.21 17.42
CA PHE A 306 -13.92 5.98 17.49
C PHE A 306 -13.30 5.71 18.86
N GLN A 307 -12.60 6.72 19.39
CA GLN A 307 -12.04 6.67 20.74
C GLN A 307 -13.08 6.31 21.79
N ALA A 308 -14.28 6.88 21.64
CA ALA A 308 -15.42 6.61 22.52
C ALA A 308 -15.96 5.15 22.58
N GLU A 309 -15.92 4.37 21.49
CA GLU A 309 -16.61 3.06 21.38
C GLU A 309 -15.90 1.86 21.98
N LYS A 310 -16.65 0.80 22.18
CA LYS A 310 -16.01 -0.33 22.79
C LYS A 310 -14.83 -0.75 21.94
N LYS A 311 -13.82 -1.36 22.55
CA LYS A 311 -12.73 -2.04 21.80
C LYS A 311 -13.29 -3.00 20.72
N LEU A 312 -14.42 -3.66 21.03
CA LEU A 312 -15.15 -4.50 20.08
C LEU A 312 -15.68 -3.71 18.89
N ALA A 313 -16.25 -2.52 19.13
CA ALA A 313 -16.73 -1.66 18.04
C ALA A 313 -15.56 -1.25 17.12
N GLN A 314 -14.59 -0.58 17.73
CA GLN A 314 -13.32 -0.25 17.10
C GLN A 314 -12.69 -1.38 16.29
N ALA A 315 -12.68 -2.57 16.87
CA ALA A 315 -12.22 -3.78 16.16
C ALA A 315 -13.02 -4.10 14.85
N ALA A 316 -14.34 -4.17 14.95
CA ALA A 316 -15.17 -4.53 13.79
C ALA A 316 -15.00 -3.47 12.71
N LEU A 317 -14.78 -2.23 13.10
CA LEU A 317 -14.74 -1.13 12.15
C LEU A 317 -13.46 -1.11 11.36
N LEU A 318 -12.35 -1.40 12.04
CA LEU A 318 -11.08 -1.55 11.38
C LEU A 318 -11.18 -2.64 10.34
N TYR A 319 -11.81 -3.74 10.71
CA TYR A 319 -11.90 -4.86 9.77
C TYR A 319 -12.67 -4.46 8.50
N MET A 320 -13.79 -3.79 8.67
CA MET A 320 -14.66 -3.36 7.58
C MET A 320 -14.09 -2.26 6.68
N ALA A 321 -13.42 -1.29 7.31
CA ALA A 321 -12.75 -0.20 6.62
C ALA A 321 -11.55 -0.72 5.80
N SER A 322 -10.79 -1.64 6.36
CA SER A 322 -9.62 -2.23 5.66
C SER A 322 -9.96 -3.25 4.52
N LYS A 323 -11.14 -3.84 4.54
CA LYS A 323 -11.53 -4.83 3.52
C LYS A 323 -12.40 -4.29 2.41
N LEU A 324 -13.21 -3.30 2.71
CA LEU A 324 -14.35 -3.03 1.86
C LEU A 324 -14.47 -1.61 1.33
N THR A 325 -13.59 -0.72 1.77
CA THR A 325 -13.60 0.62 1.20
C THR A 325 -12.88 0.68 -0.13
N THR A 326 -13.15 1.76 -0.84
CA THR A 326 -12.66 1.99 -2.18
C THR A 326 -11.83 3.26 -2.26
N LEU A 327 -11.18 3.44 -3.40
CA LEU A 327 -10.27 4.53 -3.66
C LEU A 327 -10.98 5.85 -3.60
N ASP A 328 -12.16 5.89 -4.21
CA ASP A 328 -12.91 7.12 -4.29
C ASP A 328 -13.31 7.59 -2.92
N GLU A 329 -13.68 6.62 -2.08
CA GLU A 329 -14.10 6.93 -0.71
C GLU A 329 -13.01 7.51 0.16
N THR A 330 -11.78 7.10 -0.05
CA THR A 330 -10.73 7.50 0.84
C THR A 330 -9.81 8.58 0.28
N LYS A 331 -10.05 9.10 -0.92
CA LYS A 331 -9.03 9.94 -1.58
C LYS A 331 -8.74 11.23 -0.81
N GLN A 332 -9.76 11.88 -0.30
CA GLN A 332 -9.57 13.06 0.56
C GLN A 332 -8.87 12.74 1.89
N LEU A 333 -9.21 11.64 2.54
CA LEU A 333 -8.50 11.19 3.74
C LEU A 333 -7.07 10.80 3.37
N THR A 334 -6.90 10.22 2.22
CA THR A 334 -5.56 9.96 1.66
C THR A 334 -4.70 11.22 1.60
N GLU A 335 -5.32 12.29 1.17
CA GLU A 335 -4.63 13.56 1.07
C GLU A 335 -4.29 14.13 2.44
N ILE A 336 -5.22 14.05 3.38
CA ILE A 336 -4.97 14.51 4.74
C ILE A 336 -3.86 13.68 5.35
N PHE A 337 -3.96 12.36 5.21
CA PHE A 337 -2.86 11.47 5.62
C PHE A 337 -1.49 11.93 5.13
N ARG A 338 -1.40 12.15 3.84
CA ARG A 338 -0.15 12.56 3.25
C ARG A 338 0.38 13.86 3.85
N LYS A 339 -0.48 14.84 4.08
CA LYS A 339 -0.03 16.11 4.65
C LYS A 339 0.37 16.06 6.12
N LEU A 340 -0.13 15.07 6.85
CA LEU A 340 0.23 14.93 8.23
C LEU A 340 1.52 14.11 8.35
N ASP A 341 1.78 13.32 7.33
CA ASP A 341 2.95 12.42 7.26
C ASP A 341 4.25 13.16 6.92
N THR A 342 4.73 13.89 7.93
CA THR A 342 5.79 14.85 7.82
C THR A 342 7.07 14.26 7.31
N ASN A 343 7.47 13.13 7.84
CA ASN A 343 8.73 12.52 7.39
C ASN A 343 8.54 11.53 6.25
N ASN A 344 7.38 11.54 5.60
CA ASN A 344 7.19 10.80 4.38
C ASN A 344 7.33 9.27 4.41
N ASP A 345 7.23 8.64 5.60
CA ASP A 345 7.43 7.19 5.70
C ASP A 345 6.16 6.40 5.48
N GLY A 346 5.05 7.11 5.26
CA GLY A 346 3.79 6.46 4.84
C GLY A 346 2.97 6.02 6.05
N MET A 347 3.30 6.52 7.23
CA MET A 347 2.55 6.24 8.51
C MET A 347 2.64 7.42 9.51
N LEU A 348 1.71 7.51 10.45
CA LEU A 348 1.64 8.69 11.32
C LEU A 348 2.09 8.29 12.68
N ASP A 349 3.16 8.93 13.14
CA ASP A 349 3.63 8.67 14.51
C ASP A 349 3.09 9.71 15.49
N ARG A 350 3.36 9.49 16.77
CA ARG A 350 2.80 10.31 17.81
C ARG A 350 3.09 11.78 17.59
N ASP A 351 4.34 12.14 17.33
CA ASP A 351 4.64 13.58 17.14
C ASP A 351 3.90 14.14 15.94
N GLU A 352 3.71 13.35 14.91
CA GLU A 352 3.07 13.88 13.73
C GLU A 352 1.63 14.24 14.01
N LEU A 353 0.95 13.44 14.84
CA LEU A 353 -0.44 13.69 15.19
C LEU A 353 -0.56 14.91 16.12
N VAL A 354 0.37 15.05 17.06
CA VAL A 354 0.41 16.21 17.95
C VAL A 354 0.64 17.46 17.14
N ARG A 355 1.66 17.49 16.29
CA ARG A 355 1.83 18.66 15.39
C ARG A 355 0.60 18.89 14.52
N GLY A 356 0.06 17.83 13.95
CA GLY A 356 -1.07 17.97 13.06
C GLY A 356 -2.26 18.60 13.74
N TYR A 357 -2.55 18.18 14.98
CA TYR A 357 -3.62 18.74 15.72
C TYR A 357 -3.28 20.22 16.07
N HIS A 358 -2.03 20.52 16.41
CA HIS A 358 -1.65 21.94 16.70
C HIS A 358 -1.81 22.81 15.45
N GLU A 359 -1.57 22.24 14.30
CA GLU A 359 -1.63 22.97 13.04
C GLU A 359 -3.08 23.20 12.59
N PHE A 360 -3.90 22.20 12.83
CA PHE A 360 -5.34 22.30 12.64
C PHE A 360 -5.91 23.48 13.44
N MET A 361 -5.48 23.62 14.70
CA MET A 361 -5.97 24.68 15.55
C MET A 361 -5.49 26.04 15.05
N ARG A 362 -4.20 26.12 14.75
CA ARG A 362 -3.63 27.37 14.28
C ARG A 362 -4.40 27.86 13.03
N LEU A 363 -4.56 26.98 12.06
CA LEU A 363 -5.30 27.29 10.82
C LEU A 363 -6.69 27.75 11.07
N LYS A 364 -7.30 27.24 12.12
CA LYS A 364 -8.69 27.51 12.39
C LYS A 364 -8.85 28.84 13.16
N GLY A 365 -7.75 29.35 13.69
CA GLY A 365 -7.76 30.59 14.47
C GLY A 365 -7.94 30.31 15.93
N VAL A 366 -7.74 29.06 16.37
CA VAL A 366 -8.04 28.71 17.76
C VAL A 366 -6.75 28.48 18.48
N ASP A 367 -6.70 29.01 19.69
CA ASP A 367 -5.50 28.90 20.48
C ASP A 367 -5.47 27.56 21.21
N SER A 368 -4.38 26.80 21.01
CA SER A 368 -4.15 25.49 21.61
C SER A 368 -4.22 25.49 23.14
N ASN A 369 -3.71 26.54 23.78
CA ASN A 369 -3.80 26.65 25.26
C ASN A 369 -5.17 26.38 25.88
N SER A 370 -6.23 26.85 25.23
CA SER A 370 -7.58 26.66 25.78
C SER A 370 -7.82 25.23 26.26
N GLY A 376 -8.70 21.78 30.41
CA GLY A 376 -9.03 20.47 31.00
C GLY A 376 -8.21 19.28 30.48
N SER A 377 -7.77 19.34 29.22
CA SER A 377 -6.96 18.28 28.65
C SER A 377 -6.20 18.76 27.39
N THR A 378 -4.87 18.76 27.41
CA THR A 378 -4.07 19.30 26.29
C THR A 378 -4.13 18.40 25.05
N ILE A 379 -3.65 18.93 23.91
CA ILE A 379 -3.51 18.16 22.68
C ILE A 379 -2.63 16.91 22.84
N GLU A 380 -1.57 17.07 23.61
CA GLU A 380 -0.58 16.01 23.84
C GLU A 380 -1.15 14.87 24.71
N ASP A 381 -1.99 15.17 25.69
CA ASP A 381 -2.65 14.14 26.53
C ASP A 381 -3.63 13.39 25.66
N GLN A 382 -4.47 14.14 24.97
CA GLN A 382 -5.41 13.57 24.00
C GLN A 382 -4.77 12.59 23.03
N ILE A 383 -3.74 13.02 22.31
CA ILE A 383 -3.06 12.12 21.40
C ILE A 383 -2.49 10.90 22.14
N ASP A 384 -1.76 11.14 23.22
CA ASP A 384 -1.26 10.01 24.04
C ASP A 384 -2.30 8.95 24.44
N SER A 385 -3.50 9.38 24.84
CA SER A 385 -4.55 8.45 25.20
C SER A 385 -5.19 7.82 23.95
N LEU A 386 -5.13 8.50 22.81
CA LEU A 386 -5.67 7.95 21.59
C LEU A 386 -4.75 6.90 20.90
N MET A 387 -3.43 7.05 21.00
CA MET A 387 -2.53 6.15 20.24
C MET A 387 -2.82 4.65 20.43
N PRO A 388 -2.96 4.23 21.67
CA PRO A 388 -3.19 2.81 21.91
C PRO A 388 -4.49 2.27 21.30
N LEU A 389 -5.47 3.13 21.11
CA LEU A 389 -6.76 2.71 20.59
C LEU A 389 -6.68 2.67 19.10
N LEU A 390 -5.89 3.58 18.55
CA LEU A 390 -5.72 3.69 17.09
C LEU A 390 -4.78 2.73 16.52
N ASP A 391 -3.68 2.58 17.22
CA ASP A 391 -2.60 1.70 16.82
C ASP A 391 -3.03 0.35 17.22
N MET A 392 -3.93 -0.24 16.46
CA MET A 392 -4.54 -1.50 16.91
C MET A 392 -3.66 -2.74 16.81
N ASP A 393 -2.65 -2.70 15.96
CA ASP A 393 -1.72 -3.81 15.87
C ASP A 393 -0.50 -3.57 16.76
N GLY A 394 -0.41 -2.44 17.44
CA GLY A 394 0.73 -2.20 18.35
C GLY A 394 2.05 -1.82 17.68
N SER A 395 1.97 -1.31 16.44
CA SER A 395 3.17 -1.16 15.59
C SER A 395 4.02 0.00 15.96
N GLY A 396 3.51 0.92 16.77
CA GLY A 396 4.24 2.13 17.06
C GLY A 396 3.82 3.25 16.15
N SER A 397 2.98 2.94 15.18
CA SER A 397 2.50 3.93 14.26
C SER A 397 1.07 3.68 13.84
N ILE A 398 0.42 4.73 13.32
CA ILE A 398 -0.92 4.65 12.77
C ILE A 398 -0.74 4.43 11.30
N GLU A 399 -0.97 3.22 10.79
CA GLU A 399 -0.80 3.00 9.33
C GLU A 399 -2.04 3.44 8.65
N TYR A 400 -1.93 3.48 7.33
CA TYR A 400 -2.99 3.91 6.44
C TYR A 400 -4.36 3.44 6.84
N SER A 401 -4.54 2.13 6.88
CA SER A 401 -5.84 1.54 7.15
C SER A 401 -6.40 1.92 8.54
N GLU A 402 -5.53 2.11 9.54
CA GLU A 402 -5.99 2.47 10.89
C GLU A 402 -6.53 3.92 10.92
N PHE A 403 -5.86 4.78 10.18
CA PHE A 403 -6.31 6.15 10.01
C PHE A 403 -7.66 6.19 9.31
N ILE A 404 -7.81 5.44 8.21
CA ILE A 404 -9.11 5.40 7.47
C ILE A 404 -10.20 4.88 8.33
N ALA A 405 -9.96 3.81 9.06
CA ALA A 405 -10.99 3.29 9.93
C ALA A 405 -11.48 4.32 10.90
N SER A 406 -10.56 5.09 11.50
CA SER A 406 -10.92 6.05 12.56
C SER A 406 -11.44 7.37 12.04
N ALA A 407 -10.98 7.74 10.84
CA ALA A 407 -11.28 9.07 10.24
C ALA A 407 -12.38 9.16 9.17
N ILE A 408 -12.90 8.03 8.71
CA ILE A 408 -13.95 8.00 7.69
C ILE A 408 -15.32 8.07 8.35
N ASP A 409 -16.28 8.56 7.61
CA ASP A 409 -17.64 8.52 8.03
C ASP A 409 -18.15 7.07 8.20
N ARG A 410 -18.41 6.69 9.45
CA ARG A 410 -18.99 5.40 9.81
C ARG A 410 -20.07 4.99 8.83
N THR A 411 -20.95 5.94 8.52
CA THR A 411 -22.02 5.75 7.55
C THR A 411 -21.61 4.92 6.38
N ILE A 412 -20.62 5.44 5.68
CA ILE A 412 -20.16 4.92 4.39
C ILE A 412 -19.99 3.39 4.40
N LEU A 413 -19.54 2.86 5.53
CA LEU A 413 -19.29 1.43 5.68
C LEU A 413 -20.56 0.62 5.88
N LEU A 414 -21.67 1.30 6.15
CA LEU A 414 -22.86 0.60 6.55
C LEU A 414 -23.80 0.35 5.40
N SER A 415 -23.30 0.45 4.16
CA SER A 415 -24.17 0.10 3.01
C SER A 415 -24.61 -1.37 3.15
N ARG A 416 -25.80 -1.68 2.65
CA ARG A 416 -26.33 -3.01 2.89
C ARG A 416 -25.42 -4.10 2.28
N GLU A 417 -24.89 -3.81 1.11
CA GLU A 417 -24.06 -4.76 0.40
C GLU A 417 -22.76 -5.00 1.16
N ARG A 418 -22.19 -3.96 1.73
CA ARG A 418 -21.00 -4.16 2.57
C ARG A 418 -21.17 -5.00 3.85
N MET A 419 -22.29 -4.85 4.49
CA MET A 419 -22.65 -5.67 5.64
C MET A 419 -22.87 -7.13 5.21
N GLU A 420 -23.42 -7.34 4.01
CA GLU A 420 -23.75 -8.65 3.56
C GLU A 420 -22.44 -9.35 3.35
N ARG A 421 -21.47 -8.65 2.75
CA ARG A 421 -20.17 -9.27 2.45
C ARG A 421 -19.43 -9.57 3.77
N ALA A 422 -19.34 -8.59 4.65
CA ALA A 422 -18.86 -8.90 6.05
C ALA A 422 -19.61 -10.08 6.73
N PHE A 423 -20.92 -10.11 6.64
CA PHE A 423 -21.64 -11.24 7.21
C PHE A 423 -21.16 -12.58 6.62
N LYS A 424 -20.94 -12.62 5.30
CA LYS A 424 -20.59 -13.85 4.63
C LYS A 424 -19.14 -14.21 4.94
N MET A 425 -18.27 -13.22 5.18
CA MET A 425 -16.87 -13.49 5.53
CA MET A 425 -16.88 -13.48 5.51
C MET A 425 -16.84 -14.33 6.79
N PHE A 426 -17.72 -14.01 7.75
CA PHE A 426 -17.75 -14.66 9.09
C PHE A 426 -18.60 -15.92 9.22
N ASP A 427 -19.69 -16.01 8.48
CA ASP A 427 -20.50 -17.23 8.43
C ASP A 427 -19.75 -18.36 7.70
N LYS A 428 -18.80 -18.96 8.40
CA LYS A 428 -17.83 -19.90 7.84
C LYS A 428 -18.52 -21.12 7.26
N ASP A 429 -19.44 -21.67 8.03
CA ASP A 429 -20.14 -22.85 7.60
C ASP A 429 -21.25 -22.57 6.59
N GLY A 430 -21.65 -21.31 6.44
CA GLY A 430 -22.73 -20.96 5.51
C GLY A 430 -24.08 -21.47 6.00
N SER A 431 -24.28 -21.41 7.32
CA SER A 431 -25.57 -21.77 7.96
C SER A 431 -26.63 -20.68 7.84
N GLY A 432 -26.22 -19.45 7.54
CA GLY A 432 -27.12 -18.29 7.57
C GLY A 432 -27.17 -17.54 8.90
N LYS A 433 -26.38 -18.00 9.86
CA LYS A 433 -26.38 -17.45 11.20
C LYS A 433 -24.97 -17.60 11.76
N ILE A 434 -24.43 -16.53 12.33
CA ILE A 434 -23.09 -16.59 12.89
C ILE A 434 -23.22 -17.17 14.27
N SER A 435 -22.33 -18.12 14.55
CA SER A 435 -22.09 -18.65 15.90
C SER A 435 -21.06 -17.77 16.64
N THR A 436 -20.89 -18.04 17.92
CA THR A 436 -19.94 -17.32 18.74
C THR A 436 -18.54 -17.54 18.23
N LYS A 437 -18.23 -18.79 17.87
CA LYS A 437 -16.90 -19.15 17.41
C LYS A 437 -16.60 -18.49 16.07
N GLU A 438 -17.60 -18.51 15.18
CA GLU A 438 -17.48 -17.92 13.84
C GLU A 438 -17.19 -16.42 13.94
N LEU A 439 -17.91 -15.78 14.87
CA LEU A 439 -17.87 -14.33 15.05
C LEU A 439 -16.57 -13.76 15.60
N PHE A 440 -15.89 -14.49 16.47
CA PHE A 440 -14.64 -14.00 17.02
C PHE A 440 -13.68 -13.63 15.90
N LYS A 441 -13.67 -14.44 14.84
CA LYS A 441 -12.77 -14.18 13.71
C LYS A 441 -12.56 -12.68 13.45
N LEU A 442 -13.69 -11.97 13.37
CA LEU A 442 -13.79 -10.52 13.04
C LEU A 442 -13.09 -9.60 14.05
N PHE A 443 -13.24 -9.89 15.34
CA PHE A 443 -12.65 -9.03 16.36
C PHE A 443 -11.22 -9.43 16.60
N SER A 444 -10.96 -10.73 16.59
CA SER A 444 -9.62 -11.26 16.77
C SER A 444 -8.60 -10.50 15.92
N GLU A 460 -20.18 -10.36 25.86
CA GLU A 460 -21.61 -10.56 25.61
C GLU A 460 -21.96 -10.27 24.15
N GLN A 461 -23.06 -10.86 23.70
CA GLN A 461 -23.67 -10.54 22.38
C GLN A 461 -25.18 -10.41 22.64
N VAL A 462 -25.90 -9.71 21.74
CA VAL A 462 -27.36 -9.57 21.90
C VAL A 462 -28.09 -10.22 20.73
N ASP A 463 -28.91 -11.21 21.04
CA ASP A 463 -29.73 -11.93 20.06
C ASP A 463 -31.18 -11.63 20.40
N ASN A 464 -31.91 -11.07 19.44
CA ASN A 464 -33.28 -10.71 19.70
C ASN A 464 -34.19 -11.92 19.81
N ASN A 465 -34.17 -12.81 18.82
CA ASN A 465 -35.01 -14.03 18.84
C ASN A 465 -34.46 -15.10 19.79
N LYS A 466 -33.24 -14.90 20.27
CA LYS A 466 -32.64 -15.72 21.33
C LYS A 466 -32.38 -17.19 20.93
N ASP A 467 -31.93 -17.43 19.69
CA ASP A 467 -31.40 -18.74 19.30
C ASP A 467 -29.91 -18.91 19.70
N GLY A 468 -29.33 -17.91 20.39
CA GLY A 468 -27.89 -17.84 20.65
C GLY A 468 -27.07 -17.61 19.39
N GLU A 469 -27.68 -17.05 18.35
CA GLU A 469 -26.99 -16.81 17.08
C GLU A 469 -27.45 -15.58 16.36
N VAL A 470 -26.60 -15.17 15.42
CA VAL A 470 -26.77 -13.91 14.74
C VAL A 470 -27.07 -14.19 13.27
N ASP A 471 -28.36 -14.17 12.92
CA ASP A 471 -28.71 -14.11 11.51
C ASP A 471 -28.30 -12.69 11.02
N PHE A 472 -28.47 -12.44 9.74
CA PHE A 472 -27.96 -11.18 9.17
C PHE A 472 -28.58 -9.95 9.83
N ASN A 473 -29.89 -10.05 10.08
CA ASN A 473 -30.70 -8.90 10.45
C ASN A 473 -30.27 -8.41 11.81
N GLU A 474 -29.84 -9.35 12.64
CA GLU A 474 -29.35 -9.04 14.00
C GLU A 474 -27.95 -8.43 13.90
N PHE A 475 -27.11 -9.07 13.07
CA PHE A 475 -25.76 -8.58 12.72
C PHE A 475 -25.71 -7.13 12.18
N VAL A 476 -26.73 -6.76 11.38
CA VAL A 476 -26.88 -5.39 10.90
C VAL A 476 -27.19 -4.44 12.05
N GLU A 477 -28.04 -4.91 12.96
CA GLU A 477 -28.34 -4.14 14.15
C GLU A 477 -27.11 -3.99 14.99
N MET A 478 -26.36 -5.08 15.13
CA MET A 478 -25.13 -5.08 15.90
C MET A 478 -24.12 -4.08 15.36
N LEU A 479 -23.91 -4.10 14.05
CA LEU A 479 -22.98 -3.16 13.41
C LEU A 479 -23.59 -1.76 13.46
N GLN A 480 -24.87 -1.64 13.16
CA GLN A 480 -25.52 -0.33 13.18
C GLN A 480 -25.46 0.25 14.59
N ASN A 481 -25.59 -0.63 15.58
CA ASN A 481 -25.55 -0.17 16.97
C ASN A 481 -24.14 0.37 17.34
N PHE A 482 -23.07 -0.21 16.78
CA PHE A 482 -21.70 0.26 17.05
C PHE A 482 -21.53 1.77 16.78
N VAL A 483 -22.05 2.22 15.65
CA VAL A 483 -22.01 3.64 15.32
C VAL A 483 -22.91 4.41 16.26
N ARG A 484 -24.09 3.83 16.55
CA ARG A 484 -25.11 4.44 17.44
C ARG A 484 -24.94 4.15 18.94
N ASN A 485 -25.88 4.63 19.76
CA ASN A 485 -26.03 4.20 21.17
C ASN A 485 -26.15 2.69 21.35
CA CA B . 5.41 9.53 9.30
CA CA C . -0.40 0.47 13.80
CA CA D . -22.86 -20.19 10.77
CA CA E . -30.80 -14.58 16.64
P AMP F . 2.55 -8.55 -12.67
O1P AMP F . 2.66 -9.98 -13.14
O2P AMP F . 2.33 -8.44 -11.20
O3P AMP F . 3.65 -7.59 -12.94
O5' AMP F . 1.28 -7.94 -13.43
C5' AMP F . 0.91 -8.35 -14.72
C4' AMP F . 0.07 -7.28 -15.42
O4' AMP F . -1.13 -7.07 -14.68
C3' AMP F . 0.68 -5.87 -15.66
O3' AMP F . -0.02 -5.22 -16.72
C2' AMP F . 0.13 -5.07 -14.54
O2' AMP F . 0.06 -3.67 -14.80
C1' AMP F . -1.28 -5.67 -14.40
N9 AMP F . -1.59 -5.53 -13.00
C8 AMP F . -0.96 -6.16 -12.00
N7 AMP F . -1.49 -5.84 -10.82
C5 AMP F . -2.42 -4.92 -11.09
C6 AMP F . -3.33 -4.09 -10.30
N6 AMP F . -3.36 -4.17 -8.98
N1 AMP F . -4.17 -3.32 -10.96
C2 AMP F . -4.15 -3.20 -12.32
N3 AMP F . -3.33 -3.92 -13.07
C4 AMP F . -2.49 -4.75 -12.52
#